data_5D66
#
_entry.id   5D66
#
_cell.length_a   43.268
_cell.length_b   43.221
_cell.length_c   49.632
_cell.angle_alpha   83.850
_cell.angle_beta   89.960
_cell.angle_gamma   78.380
#
_symmetry.space_group_name_H-M   'P 1'
#
loop_
_entity.id
_entity.type
_entity.pdbx_description
1 polymer 'Uncharacterized protein'
2 non-polymer 'CHLORIDE ION'
3 water water
#
_entity_poly.entity_id   1
_entity_poly.type   'polypeptide(L)'
_entity_poly.pdbx_seq_one_letter_code
;GKDEYPLH(MSE)AAANDDIQLIKHILSQKTLIDARDETGSTAL(MSE)VATRANNIHAAH(MSE)LIEAGADVNAKDNI
QDSPYLYAGAQGYLKILR(MSE)TL(MSE)HGADLKSTNRYGGTALIPAAERGHVETVRTLIAAGVNVNHVNNLGWTALL
EAIILGNGKSNYQQIVALLLKAGANPNLADKDGITPLQHARTRGYREIEKLLLVAGAK
;
_entity_poly.pdbx_strand_id   A,B
#
loop_
_chem_comp.id
_chem_comp.type
_chem_comp.name
_chem_comp.formula
CL non-polymer 'CHLORIDE ION' 'Cl -1'
#
# COMPACT_ATOMS: atom_id res chain seq x y z
N ASP A 3 -21.85 30.92 -8.39
CA ASP A 3 -21.62 31.13 -6.93
C ASP A 3 -20.12 31.21 -6.66
N GLU A 4 -19.76 31.18 -5.38
CA GLU A 4 -18.40 31.46 -4.99
C GLU A 4 -17.45 30.27 -5.28
N TYR A 5 -17.90 29.06 -5.01
CA TYR A 5 -17.06 27.84 -5.11
C TYR A 5 -17.85 26.76 -5.84
N PRO A 6 -17.98 26.89 -7.15
CA PRO A 6 -18.87 26.01 -7.89
C PRO A 6 -18.41 24.54 -7.94
N LEU A 7 -17.12 24.28 -7.91
CA LEU A 7 -16.65 22.91 -7.94
C LEU A 7 -17.10 22.15 -6.70
N HIS A 8 -17.08 22.85 -5.57
CA HIS A 8 -17.46 22.28 -4.29
C HIS A 8 -18.94 21.92 -4.31
N MSE A 9 -19.77 22.80 -4.84
CA MSE A 9 -21.22 22.51 -4.90
CA MSE A 9 -21.21 22.50 -4.87
C MSE A 9 -21.46 21.32 -5.83
O MSE A 9 -22.28 20.42 -5.54
CB MSE A 9 -21.99 23.73 -5.41
CB MSE A 9 -22.03 23.74 -5.24
CG MSE A 9 -23.54 23.46 -5.43
CG MSE A 9 -21.76 25.02 -4.38
SE MSE A 9 -24.31 23.40 -3.58
SE MSE A 9 -22.09 24.99 -2.44
CE MSE A 9 -24.82 21.65 -3.20
CE MSE A 9 -24.03 24.85 -2.45
N ALA A 10 -20.78 21.29 -6.95
CA ALA A 10 -20.93 20.18 -7.90
C ALA A 10 -20.51 18.85 -7.24
N ALA A 11 -19.44 18.90 -6.48
CA ALA A 11 -18.96 17.74 -5.73
C ALA A 11 -19.95 17.28 -4.66
N ALA A 12 -20.55 18.23 -3.95
CA ALA A 12 -21.57 17.90 -2.98
C ALA A 12 -22.79 17.24 -3.61
N ASN A 13 -23.10 17.61 -4.84
CA ASN A 13 -24.25 17.11 -5.56
C ASN A 13 -23.97 15.86 -6.37
N ASP A 14 -22.73 15.39 -6.38
CA ASP A 14 -22.35 14.23 -7.22
C ASP A 14 -22.66 14.52 -8.70
N ASP A 15 -22.51 15.80 -9.09
CA ASP A 15 -22.93 16.25 -10.42
C ASP A 15 -21.73 16.13 -11.37
N ILE A 16 -21.55 14.92 -11.93
CA ILE A 16 -20.25 14.69 -12.57
CA ILE A 16 -20.34 14.54 -12.68
C ILE A 16 -20.15 15.37 -13.95
N GLN A 17 -21.28 15.67 -14.63
CA GLN A 17 -21.16 16.44 -15.86
C GLN A 17 -20.69 17.87 -15.58
N LEU A 18 -21.21 18.45 -14.50
CA LEU A 18 -20.76 19.78 -14.10
C LEU A 18 -19.32 19.74 -13.67
N ILE A 19 -18.94 18.75 -12.84
CA ILE A 19 -17.53 18.61 -12.46
C ILE A 19 -16.63 18.55 -13.71
N LYS A 20 -16.99 17.74 -14.69
CA LYS A 20 -16.20 17.59 -15.90
C LYS A 20 -15.99 18.96 -16.56
N HIS A 21 -17.08 19.72 -16.66
CA HIS A 21 -16.98 21.02 -17.27
C HIS A 21 -16.07 21.97 -16.45
N ILE A 22 -16.25 22.03 -15.16
CA ILE A 22 -15.40 22.91 -14.33
C ILE A 22 -13.94 22.51 -14.44
N LEU A 23 -13.65 21.20 -14.43
CA LEU A 23 -12.26 20.77 -14.47
C LEU A 23 -11.59 21.16 -15.80
N SER A 24 -12.38 21.24 -16.87
CA SER A 24 -11.86 21.66 -18.18
C SER A 24 -11.31 23.10 -18.21
N GLN A 25 -11.65 23.91 -17.21
CA GLN A 25 -11.13 25.26 -17.07
C GLN A 25 -9.69 25.30 -16.58
N LYS A 26 -9.16 24.18 -16.16
CA LYS A 26 -7.72 24.04 -15.81
C LYS A 26 -7.28 24.92 -14.62
N THR A 27 -8.19 25.15 -13.69
CA THR A 27 -7.84 25.80 -12.42
C THR A 27 -7.50 24.71 -11.36
N LEU A 28 -7.10 25.15 -10.20
CA LEU A 28 -6.58 24.26 -9.20
C LEU A 28 -7.66 23.36 -8.63
N ILE A 29 -7.48 22.06 -8.76
CA ILE A 29 -8.49 21.12 -8.32
C ILE A 29 -8.77 21.16 -6.83
N ASP A 30 -7.73 21.50 -6.05
CA ASP A 30 -7.82 21.57 -4.62
C ASP A 30 -8.00 22.97 -4.10
N ALA A 31 -8.57 23.89 -4.90
CA ALA A 31 -9.00 25.17 -4.38
C ALA A 31 -9.84 25.00 -3.11
N ARG A 32 -9.61 25.82 -2.11
CA ARG A 32 -10.36 25.74 -0.86
C ARG A 32 -11.59 26.62 -0.93
N ASP A 33 -12.68 26.14 -0.30
CA ASP A 33 -13.88 26.98 -0.17
C ASP A 33 -13.71 27.89 1.04
N GLU A 34 -14.78 28.53 1.47
CA GLU A 34 -14.70 29.54 2.54
C GLU A 34 -14.34 28.91 3.90
N THR A 35 -14.53 27.58 4.02
CA THR A 35 -14.22 26.84 5.22
C THR A 35 -12.83 26.25 5.19
N GLY A 36 -12.15 26.30 4.04
CA GLY A 36 -10.86 25.66 3.94
C GLY A 36 -10.91 24.26 3.36
N SER A 37 -12.04 23.82 2.83
CA SER A 37 -12.23 22.45 2.36
C SER A 37 -11.97 22.32 0.86
N THR A 38 -11.37 21.23 0.45
CA THR A 38 -11.27 20.89 -0.93
C THR A 38 -12.60 20.28 -1.44
N ALA A 39 -12.79 20.27 -2.76
CA ALA A 39 -13.95 19.69 -3.34
C ALA A 39 -13.96 18.17 -3.11
N LEU A 40 -12.78 17.53 -3.18
CA LEU A 40 -12.73 16.11 -2.89
C LEU A 40 -13.13 15.82 -1.43
N MSE A 41 -12.75 16.68 -0.48
CA MSE A 41 -13.19 16.50 0.90
C MSE A 41 -14.71 16.59 0.98
O MSE A 41 -15.35 15.75 1.64
CB MSE A 41 -12.51 17.48 1.81
CG MSE A 41 -12.73 17.14 3.27
SE MSE A 41 -11.91 15.47 3.88
CE MSE A 41 -13.46 14.40 4.25
N VAL A 42 -15.32 17.57 0.30
CA VAL A 42 -16.77 17.70 0.25
C VAL A 42 -17.42 16.45 -0.30
N ALA A 43 -16.91 15.92 -1.42
CA ALA A 43 -17.45 14.69 -2.01
C ALA A 43 -17.33 13.53 -1.06
N THR A 44 -16.19 13.43 -0.36
CA THR A 44 -15.93 12.29 0.51
C THR A 44 -16.86 12.30 1.71
N ARG A 45 -17.09 13.46 2.32
CA ARG A 45 -17.99 13.55 3.45
C ARG A 45 -19.40 13.04 3.09
N ALA A 46 -19.80 13.23 1.85
CA ALA A 46 -21.09 12.83 1.36
C ALA A 46 -21.15 11.38 0.85
N ASN A 47 -19.99 10.72 0.80
CA ASN A 47 -19.84 9.42 0.13
C ASN A 47 -20.30 9.48 -1.32
N ASN A 48 -19.91 10.56 -2.02
CA ASN A 48 -20.24 10.71 -3.45
C ASN A 48 -19.11 10.07 -4.24
N ILE A 49 -19.29 8.76 -4.45
CA ILE A 49 -18.26 7.89 -5.03
C ILE A 49 -17.85 8.39 -6.41
N HIS A 50 -18.84 8.71 -7.26
CA HIS A 50 -18.53 9.10 -8.65
C HIS A 50 -17.77 10.39 -8.70
N ALA A 51 -18.20 11.38 -7.93
CA ALA A 51 -17.48 12.65 -7.88
C ALA A 51 -16.08 12.49 -7.33
N ALA A 52 -15.97 11.67 -6.28
CA ALA A 52 -14.64 11.41 -5.69
C ALA A 52 -13.73 10.74 -6.74
N HIS A 53 -14.24 9.76 -7.49
CA HIS A 53 -13.42 9.12 -8.51
C HIS A 53 -12.92 10.13 -9.53
N MSE A 54 -13.81 11.00 -10.02
CA MSE A 54 -13.42 11.96 -11.04
CA MSE A 54 -13.42 11.99 -11.02
C MSE A 54 -12.36 12.91 -10.50
O MSE A 54 -11.39 13.23 -11.18
CB MSE A 54 -14.65 12.69 -11.54
CB MSE A 54 -14.62 12.83 -11.43
CG MSE A 54 -14.36 13.66 -12.65
CG MSE A 54 -15.55 12.06 -12.24
SE MSE A 54 -15.95 14.45 -13.40
SE MSE A 54 -17.21 12.93 -12.45
CE MSE A 54 -16.28 13.05 -14.63
CE MSE A 54 -16.65 13.88 -14.06
N LEU A 55 -12.54 13.36 -9.28
CA LEU A 55 -11.59 14.33 -8.67
C LEU A 55 -10.22 13.70 -8.41
N ILE A 56 -10.26 12.47 -7.90
CA ILE A 56 -9.02 11.70 -7.68
C ILE A 56 -8.30 11.40 -9.00
N GLU A 57 -9.02 11.00 -10.02
CA GLU A 57 -8.36 10.73 -11.29
C GLU A 57 -7.70 12.01 -11.88
N ALA A 58 -8.29 13.16 -11.58
CA ALA A 58 -7.80 14.43 -12.07
C ALA A 58 -6.69 15.02 -11.15
N GLY A 59 -6.32 14.32 -10.08
CA GLY A 59 -5.19 14.65 -9.27
C GLY A 59 -5.43 15.31 -7.93
N ALA A 60 -6.70 15.33 -7.48
CA ALA A 60 -6.98 15.89 -6.16
C ALA A 60 -6.16 15.14 -5.10
N ASP A 61 -5.65 15.88 -4.11
CA ASP A 61 -4.80 15.33 -3.08
C ASP A 61 -5.64 14.66 -2.00
N VAL A 62 -5.50 13.35 -1.90
CA VAL A 62 -6.22 12.56 -0.93
C VAL A 62 -5.78 12.75 0.50
N ASN A 63 -4.68 13.47 0.68
CA ASN A 63 -4.13 13.81 1.99
C ASN A 63 -4.33 15.25 2.38
N ALA A 64 -4.94 16.07 1.53
CA ALA A 64 -5.19 17.45 1.94
C ALA A 64 -6.12 17.42 3.15
N LYS A 65 -5.87 18.29 4.11
CA LYS A 65 -6.64 18.36 5.33
C LYS A 65 -7.62 19.54 5.41
N ASP A 66 -8.67 19.32 6.15
CA ASP A 66 -9.63 20.34 6.53
C ASP A 66 -9.35 20.85 7.93
N ASN A 67 -10.23 21.70 8.43
CA ASN A 67 -9.98 22.42 9.69
C ASN A 67 -10.28 21.55 10.92
N ILE A 68 -10.59 20.28 10.78
CA ILE A 68 -10.56 19.28 11.88
C ILE A 68 -9.58 18.16 11.60
N GLN A 69 -8.62 18.37 10.72
CA GLN A 69 -7.56 17.39 10.37
C GLN A 69 -8.07 16.12 9.70
N ASP A 70 -9.24 16.19 9.06
CA ASP A 70 -9.68 15.12 8.19
C ASP A 70 -9.09 15.31 6.82
N SER A 71 -8.72 14.21 6.18
CA SER A 71 -8.42 14.13 4.76
C SER A 71 -9.39 13.18 4.12
N PRO A 72 -9.47 13.17 2.78
CA PRO A 72 -10.33 12.18 2.12
C PRO A 72 -10.02 10.73 2.53
N TYR A 73 -8.73 10.38 2.52
CA TYR A 73 -8.30 9.04 2.95
C TYR A 73 -8.72 8.78 4.40
N LEU A 74 -8.34 9.67 5.33
CA LEU A 74 -8.60 9.42 6.74
C LEU A 74 -10.08 9.28 7.04
N TYR A 75 -10.89 10.14 6.45
CA TYR A 75 -12.30 10.18 6.68
C TYR A 75 -12.98 8.93 6.06
N ALA A 76 -12.60 8.56 4.84
CA ALA A 76 -13.18 7.38 4.20
C ALA A 76 -12.88 6.15 5.05
N GLY A 77 -11.67 6.04 5.58
CA GLY A 77 -11.36 4.90 6.45
C GLY A 77 -12.20 4.91 7.73
N ALA A 78 -12.32 6.05 8.40
CA ALA A 78 -13.08 6.13 9.63
C ALA A 78 -14.55 5.83 9.43
N GLN A 79 -15.09 6.18 8.28
CA GLN A 79 -16.51 6.01 8.01
CA GLN A 79 -16.51 6.04 7.99
C GLN A 79 -16.85 4.71 7.31
N GLY A 80 -15.85 3.92 6.93
CA GLY A 80 -16.14 2.70 6.18
C GLY A 80 -16.63 2.97 4.77
N TYR A 81 -16.22 4.10 4.20
CA TYR A 81 -16.58 4.43 2.81
C TYR A 81 -15.52 3.72 1.93
N LEU A 82 -15.77 2.44 1.70
N LEU A 82 -15.76 2.42 1.74
CA LEU A 82 -14.72 1.56 1.27
CA LEU A 82 -14.77 1.48 1.19
C LEU A 82 -14.38 1.78 -0.22
C LEU A 82 -14.38 1.81 -0.22
N LYS A 83 -15.36 2.13 -1.04
CA LYS A 83 -15.07 2.40 -2.45
C LYS A 83 -14.14 3.62 -2.59
N ILE A 84 -14.45 4.70 -1.89
CA ILE A 84 -13.58 5.88 -1.91
C ILE A 84 -12.25 5.53 -1.28
N LEU A 85 -12.27 4.83 -0.14
CA LEU A 85 -11.00 4.48 0.48
C LEU A 85 -10.06 3.74 -0.49
N ARG A 86 -10.59 2.75 -1.21
N ARG A 86 -10.58 2.75 -1.21
CA ARG A 86 -9.77 1.99 -2.15
CA ARG A 86 -9.77 2.00 -2.16
C ARG A 86 -9.17 2.93 -3.21
C ARG A 86 -9.17 2.91 -3.22
N MSE A 87 -9.94 3.89 -3.67
CA MSE A 87 -9.41 4.88 -4.61
C MSE A 87 -8.25 5.63 -4.01
O MSE A 87 -7.20 5.87 -4.66
CB MSE A 87 -10.47 5.87 -5.06
CG MSE A 87 -11.67 5.34 -5.68
SE MSE A 87 -12.99 6.78 -5.88
CE MSE A 87 -14.51 5.62 -6.07
N THR A 88 -8.41 6.08 -2.76
CA THR A 88 -7.32 6.82 -2.13
C THR A 88 -6.04 5.98 -1.97
N LEU A 89 -6.22 4.70 -1.65
CA LEU A 89 -5.10 3.81 -1.49
C LEU A 89 -4.29 3.57 -2.77
N MSE A 90 -4.95 3.75 -3.91
CA MSE A 90 -4.34 3.62 -5.24
CA MSE A 90 -4.34 3.64 -5.24
C MSE A 90 -3.74 4.97 -5.71
O MSE A 90 -3.06 4.98 -6.75
CB MSE A 90 -5.39 3.14 -6.24
CB MSE A 90 -5.40 3.19 -6.24
CG MSE A 90 -5.73 1.68 -6.10
CG MSE A 90 -5.92 1.80 -6.01
SE MSE A 90 -4.20 0.49 -6.31
SE MSE A 90 -7.17 1.28 -7.42
CE MSE A 90 -3.41 1.15 -7.85
CE MSE A 90 -6.22 2.07 -8.94
N HIS A 91 -4.02 6.07 -4.98
CA HIS A 91 -3.67 7.41 -5.43
C HIS A 91 -3.07 8.22 -4.32
N GLY A 92 -2.15 7.60 -3.59
CA GLY A 92 -1.23 8.35 -2.77
C GLY A 92 -1.59 8.51 -1.31
N ALA A 93 -2.52 7.75 -0.78
CA ALA A 93 -2.83 7.87 0.64
C ALA A 93 -1.56 7.76 1.48
N ASP A 94 -1.40 8.71 2.41
CA ASP A 94 -0.27 8.69 3.33
C ASP A 94 -0.64 7.84 4.53
N LEU A 95 -0.19 6.59 4.57
CA LEU A 95 -0.62 5.69 5.58
C LEU A 95 -0.14 6.07 6.96
N LYS A 96 0.86 6.97 7.05
CA LYS A 96 1.38 7.51 8.29
C LYS A 96 0.58 8.71 8.77
N SER A 97 -0.31 9.25 7.95
CA SER A 97 -1.06 10.43 8.34
C SER A 97 -2.04 10.09 9.41
N THR A 98 -2.39 11.12 10.17
CA THR A 98 -3.20 10.96 11.34
C THR A 98 -4.33 12.02 11.37
N ASN A 99 -5.42 11.61 11.99
CA ASN A 99 -6.59 12.44 12.19
C ASN A 99 -6.40 13.30 13.46
N ARG A 100 -7.43 14.00 13.88
CA ARG A 100 -7.30 14.91 15.00
C ARG A 100 -7.01 14.20 16.29
N TYR A 101 -7.38 12.91 16.41
CA TYR A 101 -7.08 12.11 17.59
C TYR A 101 -5.69 11.49 17.51
N GLY A 102 -4.89 11.85 16.52
CA GLY A 102 -3.62 11.23 16.40
C GLY A 102 -3.64 9.79 15.98
N GLY A 103 -4.75 9.37 15.38
CA GLY A 103 -4.90 8.03 14.91
C GLY A 103 -4.72 7.87 13.42
N THR A 104 -4.25 6.70 12.99
CA THR A 104 -4.33 6.32 11.62
C THR A 104 -5.77 6.08 11.19
N ALA A 105 -5.99 5.84 9.90
CA ALA A 105 -7.34 5.49 9.42
C ALA A 105 -7.83 4.17 10.02
N LEU A 106 -6.89 3.28 10.36
CA LEU A 106 -7.23 1.98 10.89
C LEU A 106 -7.89 2.02 12.23
N ILE A 107 -7.47 2.93 13.10
CA ILE A 107 -7.97 2.95 14.48
C ILE A 107 -9.50 3.21 14.51
N PRO A 108 -10.03 4.26 13.84
CA PRO A 108 -11.48 4.44 13.84
C PRO A 108 -12.21 3.33 13.11
N ALA A 109 -11.62 2.75 12.07
CA ALA A 109 -12.25 1.63 11.38
C ALA A 109 -12.46 0.48 12.35
N ALA A 110 -11.44 0.21 13.18
CA ALA A 110 -11.57 -0.85 14.19
C ALA A 110 -12.60 -0.48 15.25
N GLU A 111 -12.50 0.76 15.76
CA GLU A 111 -13.43 1.30 16.72
C GLU A 111 -14.89 1.08 16.32
N ARG A 112 -15.17 1.36 15.06
CA ARG A 112 -16.52 1.37 14.56
C ARG A 112 -16.98 0.00 14.04
N GLY A 113 -16.10 -0.99 14.08
CA GLY A 113 -16.50 -2.32 13.68
C GLY A 113 -16.58 -2.53 12.22
N HIS A 114 -15.83 -1.77 11.41
CA HIS A 114 -15.90 -1.85 9.95
C HIS A 114 -14.90 -2.93 9.47
N VAL A 115 -15.37 -4.17 9.45
CA VAL A 115 -14.46 -5.30 9.29
C VAL A 115 -13.69 -5.23 7.95
N GLU A 116 -14.39 -5.00 6.84
N GLU A 116 -14.39 -5.03 6.84
CA GLU A 116 -13.73 -5.03 5.54
CA GLU A 116 -13.71 -5.05 5.54
C GLU A 116 -12.79 -3.84 5.39
C GLU A 116 -12.77 -3.84 5.38
N THR A 117 -13.11 -2.71 6.02
CA THR A 117 -12.21 -1.56 6.02
C THR A 117 -10.92 -1.88 6.81
N VAL A 118 -11.06 -2.53 7.97
CA VAL A 118 -9.93 -3.01 8.72
C VAL A 118 -9.05 -3.96 7.87
N ARG A 119 -9.71 -4.92 7.25
N ARG A 119 -9.67 -4.95 7.24
CA ARG A 119 -8.98 -5.88 6.40
CA ARG A 119 -8.92 -5.89 6.41
C ARG A 119 -8.16 -5.12 5.33
C ARG A 119 -8.14 -5.16 5.31
N THR A 120 -8.80 -4.21 4.67
CA THR A 120 -8.22 -3.42 3.60
C THR A 120 -7.03 -2.61 4.07
N LEU A 121 -7.18 -1.93 5.18
CA LEU A 121 -6.11 -1.11 5.73
C LEU A 121 -4.94 -1.91 6.22
N ILE A 122 -5.20 -3.07 6.87
CA ILE A 122 -4.13 -3.97 7.22
C ILE A 122 -3.33 -4.38 5.97
N ALA A 123 -4.06 -4.80 4.94
CA ALA A 123 -3.42 -5.26 3.71
C ALA A 123 -2.59 -4.15 3.05
N ALA A 124 -3.05 -2.90 3.15
CA ALA A 124 -2.33 -1.79 2.57
C ALA A 124 -1.02 -1.44 3.29
N GLY A 125 -0.93 -1.82 4.57
CA GLY A 125 0.25 -1.54 5.37
C GLY A 125 0.10 -0.52 6.43
N VAL A 126 -1.09 -0.08 6.80
CA VAL A 126 -1.20 0.85 7.93
C VAL A 126 -0.60 0.15 9.16
N ASN A 127 0.15 0.91 9.97
CA ASN A 127 0.87 0.33 11.11
C ASN A 127 -0.11 -0.11 12.18
N VAL A 128 -0.27 -1.40 12.37
CA VAL A 128 -1.20 -1.92 13.36
C VAL A 128 -0.83 -1.51 14.77
N ASN A 129 0.44 -1.20 15.04
CA ASN A 129 0.90 -0.85 16.37
C ASN A 129 0.88 0.67 16.70
N HIS A 130 0.32 1.46 15.79
CA HIS A 130 0.24 2.89 16.05
C HIS A 130 -0.65 3.20 17.24
N VAL A 131 -0.21 4.13 18.07
CA VAL A 131 -0.92 4.57 19.26
C VAL A 131 -1.39 6.02 19.10
N ASN A 132 -2.70 6.22 19.27
CA ASN A 132 -3.27 7.59 19.11
C ASN A 132 -3.13 8.41 20.39
N ASN A 133 -3.68 9.62 20.39
CA ASN A 133 -3.47 10.55 21.53
C ASN A 133 -4.42 10.30 22.67
N LEU A 134 -5.27 9.29 22.56
CA LEU A 134 -6.02 8.70 23.69
C LEU A 134 -5.25 7.55 24.31
N GLY A 135 -4.06 7.21 23.78
CA GLY A 135 -3.23 6.14 24.28
C GLY A 135 -3.69 4.77 23.77
N TRP A 136 -4.48 4.75 22.70
CA TRP A 136 -5.12 3.54 22.24
C TRP A 136 -4.57 3.16 20.87
N THR A 137 -4.40 1.85 20.69
CA THR A 137 -4.16 1.23 19.40
C THR A 137 -5.50 0.80 18.79
N ALA A 138 -5.48 0.31 17.57
CA ALA A 138 -6.64 -0.29 16.96
C ALA A 138 -7.18 -1.46 17.82
N LEU A 139 -6.25 -2.32 18.29
CA LEU A 139 -6.62 -3.43 19.13
C LEU A 139 -7.34 -2.96 20.40
N LEU A 140 -6.77 -2.00 21.10
CA LEU A 140 -7.39 -1.49 22.32
C LEU A 140 -8.77 -0.94 22.03
N GLU A 141 -8.90 -0.11 21.00
CA GLU A 141 -10.25 0.43 20.71
C GLU A 141 -11.24 -0.64 20.33
N ALA A 142 -10.82 -1.65 19.56
CA ALA A 142 -11.76 -2.69 19.20
C ALA A 142 -12.32 -3.41 20.43
N ILE A 143 -11.52 -3.49 21.51
CA ILE A 143 -11.93 -4.16 22.73
C ILE A 143 -12.75 -3.21 23.58
N ILE A 144 -12.20 -2.05 23.88
CA ILE A 144 -12.83 -1.11 24.82
C ILE A 144 -14.11 -0.50 24.28
N LEU A 145 -14.14 -0.18 22.99
CA LEU A 145 -15.24 0.54 22.37
C LEU A 145 -16.17 -0.35 21.53
N GLY A 146 -15.83 -1.63 21.38
CA GLY A 146 -16.69 -2.58 20.74
C GLY A 146 -17.62 -3.20 21.78
N ASN A 147 -18.33 -4.23 21.38
CA ASN A 147 -19.23 -4.97 22.25
C ASN A 147 -18.83 -6.43 22.45
N GLY A 148 -17.63 -6.78 22.02
CA GLY A 148 -17.13 -8.13 22.20
C GLY A 148 -17.68 -9.20 21.28
N LYS A 149 -18.60 -8.81 20.41
CA LYS A 149 -19.34 -9.74 19.54
C LYS A 149 -18.75 -9.73 18.14
N SER A 150 -19.19 -10.66 17.31
CA SER A 150 -19.06 -10.75 15.86
C SER A 150 -17.96 -9.89 15.27
N ASN A 151 -18.36 -8.70 14.81
N ASN A 151 -18.33 -8.70 14.83
CA ASN A 151 -17.45 -7.82 14.09
CA ASN A 151 -17.41 -7.96 14.05
C ASN A 151 -16.18 -7.56 14.86
C ASN A 151 -16.19 -7.52 14.85
N TYR A 152 -16.32 -7.32 16.16
CA TYR A 152 -15.17 -7.01 16.96
C TYR A 152 -14.24 -8.20 17.21
N GLN A 153 -14.84 -9.38 17.39
CA GLN A 153 -14.00 -10.59 17.41
C GLN A 153 -13.23 -10.75 16.09
N GLN A 154 -13.91 -10.49 14.97
N GLN A 154 -13.90 -10.53 14.97
CA GLN A 154 -13.29 -10.66 13.65
CA GLN A 154 -13.25 -10.67 13.66
C GLN A 154 -12.14 -9.65 13.50
C GLN A 154 -12.11 -9.66 13.52
N ILE A 155 -12.34 -8.41 13.96
CA ILE A 155 -11.32 -7.36 13.87
C ILE A 155 -10.15 -7.68 14.78
N VAL A 156 -10.41 -8.10 16.03
CA VAL A 156 -9.33 -8.58 16.90
C VAL A 156 -8.50 -9.67 16.20
N ALA A 157 -9.21 -10.67 15.66
CA ALA A 157 -8.50 -11.75 15.00
C ALA A 157 -7.64 -11.27 13.86
N LEU A 158 -8.19 -10.36 13.05
CA LEU A 158 -7.43 -9.80 11.90
C LEU A 158 -6.20 -9.09 12.37
N LEU A 159 -6.33 -8.26 13.37
CA LEU A 159 -5.19 -7.45 13.90
C LEU A 159 -4.09 -8.36 14.41
N LEU A 160 -4.50 -9.36 15.21
CA LEU A 160 -3.53 -10.26 15.83
C LEU A 160 -2.84 -11.11 14.76
N LYS A 161 -3.57 -11.64 13.79
CA LYS A 161 -2.94 -12.48 12.77
C LYS A 161 -1.97 -11.63 11.94
N ALA A 162 -2.29 -10.36 11.72
CA ALA A 162 -1.42 -9.45 10.97
C ALA A 162 -0.17 -9.10 11.71
N GLY A 163 -0.12 -9.33 13.02
CA GLY A 163 1.06 -9.03 13.77
C GLY A 163 0.98 -7.90 14.78
N ALA A 164 -0.22 -7.49 15.13
CA ALA A 164 -0.35 -6.47 16.16
C ALA A 164 0.21 -7.05 17.47
N ASN A 165 0.93 -6.22 18.21
CA ASN A 165 1.49 -6.61 19.47
C ASN A 165 0.37 -6.70 20.49
N PRO A 166 0.09 -7.87 21.06
CA PRO A 166 -1.03 -8.00 21.98
C PRO A 166 -0.76 -7.45 23.37
N ASN A 167 0.47 -6.99 23.63
CA ASN A 167 0.90 -6.48 24.91
C ASN A 167 1.09 -5.00 24.97
N LEU A 168 0.71 -4.25 23.97
CA LEU A 168 0.74 -2.78 24.03
C LEU A 168 -0.47 -2.31 24.79
N ALA A 169 -0.21 -1.82 26.00
CA ALA A 169 -1.21 -1.40 26.96
C ALA A 169 -1.66 0.06 26.73
N ASP A 170 -2.77 0.43 27.37
CA ASP A 170 -3.26 1.79 27.39
C ASP A 170 -2.35 2.70 28.23
N LYS A 171 -2.72 3.97 28.31
N LYS A 171 -2.69 3.99 28.32
CA LYS A 171 -1.90 4.97 29.00
CA LYS A 171 -1.84 4.92 29.05
C LYS A 171 -1.77 4.69 30.50
C LYS A 171 -1.68 4.57 30.50
N ASP A 172 -2.70 3.89 31.05
CA ASP A 172 -2.75 3.57 32.47
C ASP A 172 -2.21 2.18 32.77
N GLY A 173 -1.56 1.57 31.76
CA GLY A 173 -0.91 0.29 31.94
C GLY A 173 -1.83 -0.93 31.82
N ILE A 174 -3.09 -0.73 31.45
CA ILE A 174 -4.04 -1.84 31.33
CA ILE A 174 -4.07 -1.82 31.34
C ILE A 174 -3.90 -2.48 29.96
N THR A 175 -3.63 -3.77 29.95
CA THR A 175 -3.33 -4.48 28.74
C THR A 175 -4.60 -4.88 27.97
N PRO A 176 -4.46 -5.19 26.68
CA PRO A 176 -5.61 -5.79 25.97
C PRO A 176 -6.22 -6.98 26.71
N LEU A 177 -5.38 -7.88 27.23
CA LEU A 177 -5.89 -9.05 27.94
C LEU A 177 -6.73 -8.65 29.15
N GLN A 178 -6.22 -7.73 29.95
N GLN A 178 -6.22 -7.73 29.95
CA GLN A 178 -6.99 -7.30 31.10
CA GLN A 178 -6.98 -7.29 31.14
C GLN A 178 -8.30 -6.62 30.72
C GLN A 178 -8.28 -6.59 30.75
N HIS A 179 -8.25 -5.78 29.69
CA HIS A 179 -9.46 -5.19 29.18
C HIS A 179 -10.50 -6.21 28.77
N ALA A 180 -10.08 -7.24 28.07
CA ALA A 180 -10.99 -8.30 27.67
C ALA A 180 -11.55 -9.05 28.88
N ARG A 181 -10.68 -9.36 29.83
CA ARG A 181 -11.10 -10.11 31.01
C ARG A 181 -12.11 -9.32 31.83
N THR A 182 -11.84 -8.02 32.05
CA THR A 182 -12.69 -7.17 32.85
CA THR A 182 -12.75 -7.25 32.88
C THR A 182 -14.12 -7.14 32.29
N ARG A 183 -14.23 -7.26 30.96
CA ARG A 183 -15.47 -7.21 30.24
C ARG A 183 -16.09 -8.57 29.99
N GLY A 184 -15.42 -9.66 30.37
CA GLY A 184 -15.97 -10.97 30.13
C GLY A 184 -16.03 -11.39 28.68
N TYR A 185 -15.13 -10.85 27.85
CA TYR A 185 -15.13 -11.16 26.41
C TYR A 185 -14.30 -12.41 26.16
N ARG A 186 -14.96 -13.57 26.23
CA ARG A 186 -14.20 -14.82 26.33
C ARG A 186 -13.51 -15.16 25.04
N GLU A 187 -14.17 -14.90 23.91
CA GLU A 187 -13.60 -15.16 22.59
C GLU A 187 -12.35 -14.29 22.36
N ILE A 188 -12.49 -12.97 22.61
CA ILE A 188 -11.37 -12.09 22.47
C ILE A 188 -10.21 -12.48 23.42
N GLU A 189 -10.52 -12.86 24.68
CA GLU A 189 -9.50 -13.36 25.60
C GLU A 189 -8.71 -14.52 25.00
N LYS A 190 -9.44 -15.48 24.45
N LYS A 190 -9.44 -15.49 24.46
CA LYS A 190 -8.76 -16.66 23.89
CA LYS A 190 -8.82 -16.68 23.88
C LYS A 190 -7.90 -16.30 22.70
C LYS A 190 -7.91 -16.31 22.70
N LEU A 191 -8.38 -15.42 21.82
CA LEU A 191 -7.58 -14.94 20.71
C LEU A 191 -6.32 -14.24 21.14
N LEU A 192 -6.42 -13.40 22.18
CA LEU A 192 -5.27 -12.68 22.73
C LEU A 192 -4.24 -13.65 23.32
N LEU A 193 -4.70 -14.62 24.13
CA LEU A 193 -3.79 -15.57 24.78
C LEU A 193 -2.99 -16.38 23.76
N VAL A 194 -3.62 -16.84 22.68
CA VAL A 194 -2.86 -17.62 21.73
CA VAL A 194 -2.91 -17.56 21.60
C VAL A 194 -1.85 -16.71 20.95
N ALA A 195 -2.09 -15.40 20.88
CA ALA A 195 -1.17 -14.46 20.30
C ALA A 195 -0.03 -14.05 21.24
N GLY A 196 -0.01 -14.60 22.46
CA GLY A 196 1.05 -14.26 23.42
C GLY A 196 0.74 -13.18 24.41
N ALA A 197 -0.53 -12.81 24.52
CA ALA A 197 -0.91 -11.77 25.46
C ALA A 197 -0.61 -12.21 26.87
N LYS A 198 -0.12 -11.23 27.64
CA LYS A 198 0.05 -11.29 29.05
C LYS A 198 -0.70 -10.11 29.76
N ASP B 3 15.88 -6.26 23.50
CA ASP B 3 15.16 -5.75 22.29
C ASP B 3 13.66 -5.93 22.48
N GLU B 4 12.88 -4.92 22.18
CA GLU B 4 11.45 -5.10 22.18
C GLU B 4 10.98 -6.09 21.06
N TYR B 5 11.65 -6.06 19.95
CA TYR B 5 11.31 -6.87 18.78
C TYR B 5 12.58 -7.62 18.34
N PRO B 6 12.92 -8.70 19.05
CA PRO B 6 14.21 -9.32 18.80
C PRO B 6 14.36 -9.97 17.44
N LEU B 7 13.28 -10.50 16.86
CA LEU B 7 13.39 -11.11 15.55
C LEU B 7 13.76 -10.06 14.49
N HIS B 8 13.18 -8.88 14.61
CA HIS B 8 13.44 -7.80 13.69
C HIS B 8 14.90 -7.34 13.81
N MSE B 9 15.38 -7.24 15.04
CA MSE B 9 16.76 -6.86 15.23
C MSE B 9 17.71 -7.91 14.63
O MSE B 9 18.73 -7.58 14.01
CB MSE B 9 17.06 -6.58 16.70
CG MSE B 9 16.21 -5.44 17.34
SE MSE B 9 16.19 -3.68 16.44
CE MSE B 9 18.01 -3.20 16.80
N ALA B 10 17.41 -9.19 14.84
CA ALA B 10 18.24 -10.24 14.29
C ALA B 10 18.22 -10.20 12.74
N ALA B 11 17.05 -9.91 12.16
CA ALA B 11 16.92 -9.78 10.68
C ALA B 11 17.76 -8.63 10.16
N ALA B 12 17.74 -7.52 10.87
CA ALA B 12 18.54 -6.34 10.51
C ALA B 12 20.02 -6.66 10.52
N ASN B 13 20.45 -7.46 11.50
CA ASN B 13 21.85 -7.87 11.71
C ASN B 13 22.24 -9.09 10.93
N ASP B 14 21.36 -9.72 10.18
CA ASP B 14 21.63 -10.99 9.48
C ASP B 14 22.18 -12.05 10.47
N ASP B 15 21.72 -12.02 11.72
CA ASP B 15 22.18 -12.97 12.74
C ASP B 15 21.32 -14.25 12.53
N ILE B 16 21.67 -15.14 11.58
N ILE B 16 21.78 -15.09 11.60
CA ILE B 16 20.71 -16.24 11.28
CA ILE B 16 21.10 -16.31 11.16
C ILE B 16 20.70 -17.30 12.40
C ILE B 16 20.80 -17.28 12.30
N GLN B 17 21.77 -17.43 13.18
CA GLN B 17 21.71 -18.38 14.27
C GLN B 17 20.68 -17.93 15.30
N LEU B 18 20.65 -16.62 15.56
CA LEU B 18 19.67 -16.03 16.44
C LEU B 18 18.28 -16.21 15.85
N ILE B 19 18.13 -15.99 14.54
CA ILE B 19 16.82 -16.21 13.92
C ILE B 19 16.37 -17.67 14.12
N LYS B 20 17.27 -18.63 13.84
CA LYS B 20 16.96 -20.06 13.99
C LYS B 20 16.51 -20.39 15.41
N HIS B 21 17.23 -19.87 16.38
CA HIS B 21 16.93 -20.15 17.76
C HIS B 21 15.62 -19.50 18.20
N ILE B 22 15.33 -18.30 17.68
CA ILE B 22 14.09 -17.61 18.01
C ILE B 22 12.91 -18.38 17.43
N LEU B 23 13.07 -18.84 16.19
CA LEU B 23 11.99 -19.54 15.48
C LEU B 23 11.64 -20.93 16.04
N SER B 24 12.56 -21.59 16.73
CA SER B 24 12.29 -22.94 17.28
C SER B 24 11.20 -23.05 18.39
N GLN B 25 10.64 -21.93 18.85
CA GLN B 25 9.46 -21.94 19.73
C GLN B 25 8.32 -21.33 18.93
N LYS B 26 7.09 -21.45 19.44
CA LYS B 26 5.89 -20.93 18.75
C LYS B 26 6.13 -19.45 18.47
N THR B 27 6.10 -19.08 17.19
CA THR B 27 6.42 -17.77 16.67
C THR B 27 5.40 -17.30 15.65
N LEU B 28 4.90 -16.06 15.82
CA LEU B 28 4.19 -15.38 14.73
C LEU B 28 5.24 -14.72 13.89
N ILE B 29 5.53 -15.31 12.75
N ILE B 29 5.57 -15.31 12.76
CA ILE B 29 6.65 -14.90 11.90
CA ILE B 29 6.74 -14.86 12.02
C ILE B 29 6.56 -13.47 11.46
C ILE B 29 6.57 -13.45 11.44
N ASP B 30 5.32 -13.01 11.19
CA ASP B 30 5.07 -11.66 10.68
C ASP B 30 4.60 -10.69 11.74
N ALA B 31 4.96 -10.92 13.01
CA ALA B 31 4.78 -9.89 14.05
C ALA B 31 5.32 -8.57 13.54
N ARG B 32 4.60 -7.49 13.84
CA ARG B 32 5.06 -6.17 13.43
C ARG B 32 5.82 -5.49 14.53
N ASP B 33 6.86 -4.74 14.14
CA ASP B 33 7.58 -3.90 15.09
C ASP B 33 6.81 -2.61 15.34
N GLU B 34 7.45 -1.63 16.02
CA GLU B 34 6.77 -0.39 16.39
C GLU B 34 6.41 0.48 15.17
N THR B 35 7.03 0.19 14.00
CA THR B 35 6.73 0.91 12.77
C THR B 35 5.69 0.21 11.93
N GLY B 36 5.33 -1.01 12.26
CA GLY B 36 4.44 -1.80 11.42
C GLY B 36 5.14 -2.75 10.45
N SER B 37 6.43 -2.93 10.60
CA SER B 37 7.22 -3.72 9.65
C SER B 37 7.35 -5.17 10.12
N THR B 38 7.30 -6.09 9.16
CA THR B 38 7.66 -7.46 9.45
C THR B 38 9.18 -7.64 9.47
N ALA B 39 9.65 -8.70 10.10
CA ALA B 39 11.07 -9.02 10.06
C ALA B 39 11.57 -9.31 8.65
N LEU B 40 10.74 -9.93 7.83
CA LEU B 40 11.15 -10.16 6.45
C LEU B 40 11.32 -8.83 5.71
N MSE B 41 10.43 -7.87 5.94
CA MSE B 41 10.61 -6.55 5.32
C MSE B 41 11.93 -5.92 5.77
O MSE B 41 12.66 -5.35 4.97
CB MSE B 41 9.41 -5.67 5.62
CG MSE B 41 9.41 -4.41 4.76
SE MSE B 41 9.19 -4.73 2.83
CE MSE B 41 10.85 -4.05 2.21
N VAL B 42 12.23 -6.00 7.05
CA VAL B 42 13.51 -5.49 7.57
C VAL B 42 14.69 -6.13 6.88
N ALA B 43 14.67 -7.46 6.75
CA ALA B 43 15.75 -8.18 6.07
C ALA B 43 15.86 -7.73 4.59
N THR B 44 14.72 -7.53 3.97
CA THR B 44 14.72 -7.22 2.54
C THR B 44 15.26 -5.80 2.28
N ARG B 45 14.93 -4.83 3.15
CA ARG B 45 15.50 -3.50 2.99
C ARG B 45 17.01 -3.51 3.06
N ALA B 46 17.54 -4.39 3.88
CA ALA B 46 18.96 -4.55 4.05
C ALA B 46 19.63 -5.43 3.00
N ASN B 47 18.83 -6.09 2.17
CA ASN B 47 19.31 -7.16 1.29
C ASN B 47 20.06 -8.23 2.03
N ASN B 48 19.49 -8.64 3.18
CA ASN B 48 20.09 -9.70 3.96
C ASN B 48 19.49 -11.01 3.48
N ILE B 49 20.13 -11.56 2.46
CA ILE B 49 19.49 -12.67 1.72
CA ILE B 49 19.65 -12.71 1.66
C ILE B 49 19.34 -13.94 2.56
N HIS B 50 20.28 -14.20 3.46
CA HIS B 50 20.18 -15.45 4.25
C HIS B 50 19.09 -15.34 5.29
N ALA B 51 18.99 -14.19 5.94
CA ALA B 51 17.87 -13.92 6.85
C ALA B 51 16.54 -13.99 6.11
N ALA B 52 16.47 -13.38 4.94
CA ALA B 52 15.25 -13.45 4.15
C ALA B 52 14.87 -14.90 3.82
N HIS B 53 15.86 -15.71 3.38
CA HIS B 53 15.58 -17.09 3.03
C HIS B 53 14.98 -17.85 4.21
N MSE B 54 15.58 -17.68 5.38
N MSE B 54 15.59 -17.70 5.40
CA MSE B 54 15.12 -18.39 6.58
CA MSE B 54 15.09 -18.39 6.60
C MSE B 54 13.70 -17.96 6.94
C MSE B 54 13.69 -17.97 6.95
O MSE B 54 12.88 -18.80 7.30
O MSE B 54 12.87 -18.82 7.30
CB MSE B 54 16.11 -18.14 7.72
CB MSE B 54 16.01 -18.11 7.80
CG MSE B 54 15.84 -18.87 8.96
CG MSE B 54 17.39 -18.65 7.60
SE MSE B 54 17.27 -18.71 10.24
SE MSE B 54 18.73 -17.80 8.72
CE MSE B 54 18.49 -20.03 9.51
CE MSE B 54 18.55 -18.94 10.26
N LEU B 55 13.40 -16.67 6.86
CA LEU B 55 12.08 -16.18 7.19
C LEU B 55 11.01 -16.66 6.20
N ILE B 56 11.38 -16.65 4.91
CA ILE B 56 10.51 -17.14 3.87
C ILE B 56 10.25 -18.64 4.03
N GLU B 57 11.28 -19.40 4.31
CA GLU B 57 11.08 -20.86 4.54
C GLU B 57 10.18 -21.13 5.74
N ALA B 58 10.16 -20.23 6.71
CA ALA B 58 9.33 -20.35 7.89
C ALA B 58 7.92 -19.78 7.70
N GLY B 59 7.63 -19.31 6.49
CA GLY B 59 6.31 -18.92 6.14
C GLY B 59 6.02 -17.43 6.16
N ALA B 60 7.03 -16.57 6.25
CA ALA B 60 6.80 -15.14 6.19
C ALA B 60 6.04 -14.78 4.89
N ASP B 61 5.09 -13.88 5.00
CA ASP B 61 4.31 -13.40 3.89
C ASP B 61 5.05 -12.37 3.04
N VAL B 62 5.42 -12.78 1.84
CA VAL B 62 6.14 -11.91 0.92
C VAL B 62 5.32 -10.72 0.37
N ASN B 63 4.04 -10.73 0.67
CA ASN B 63 3.09 -9.69 0.28
C ASN B 63 2.68 -8.78 1.42
N ALA B 64 3.12 -9.05 2.67
CA ALA B 64 2.78 -8.15 3.76
C ALA B 64 3.36 -6.77 3.48
N LYS B 65 2.59 -5.73 3.77
CA LYS B 65 3.02 -4.37 3.45
C LYS B 65 3.42 -3.60 4.71
N ASP B 66 4.27 -2.64 4.45
CA ASP B 66 4.69 -1.63 5.42
C ASP B 66 3.94 -0.36 5.19
N ASN B 67 4.28 0.65 5.97
CA ASN B 67 3.51 1.91 5.99
C ASN B 67 3.78 2.85 4.80
N ILE B 68 4.55 2.36 3.81
CA ILE B 68 4.59 3.03 2.48
C ILE B 68 4.20 2.08 1.37
N GLN B 69 3.48 1.01 1.68
CA GLN B 69 2.97 0.01 0.73
C GLN B 69 4.06 -0.80 0.06
N ASP B 70 5.23 -0.90 0.66
CA ASP B 70 6.21 -1.87 0.19
C ASP B 70 5.98 -3.21 0.81
N SER B 71 6.14 -4.25 0.00
CA SER B 71 6.23 -5.62 0.45
C SER B 71 7.60 -6.17 0.10
N PRO B 72 7.99 -7.27 0.70
CA PRO B 72 9.29 -7.89 0.29
C PRO B 72 9.39 -8.13 -1.20
N TYR B 73 8.37 -8.66 -1.82
CA TYR B 73 8.35 -8.86 -3.26
C TYR B 73 8.47 -7.53 -4.04
N LEU B 74 7.58 -6.58 -3.70
CA LEU B 74 7.58 -5.34 -4.47
C LEU B 74 8.91 -4.61 -4.36
N TYR B 75 9.45 -4.53 -3.15
CA TYR B 75 10.65 -3.81 -2.91
C TYR B 75 11.87 -4.51 -3.55
N ALA B 76 11.94 -5.84 -3.44
CA ALA B 76 13.04 -6.55 -4.09
C ALA B 76 13.02 -6.34 -5.58
N GLY B 77 11.84 -6.32 -6.19
CA GLY B 77 11.75 -6.07 -7.61
C GLY B 77 12.20 -4.66 -7.97
N ALA B 78 11.70 -3.66 -7.25
CA ALA B 78 12.07 -2.27 -7.53
C ALA B 78 13.58 -2.05 -7.39
N GLN B 79 14.20 -2.71 -6.40
CA GLN B 79 15.60 -2.50 -6.11
CA GLN B 79 15.59 -2.53 -6.06
C GLN B 79 16.53 -3.41 -6.90
N GLY B 80 15.98 -4.35 -7.66
CA GLY B 80 16.81 -5.32 -8.37
C GLY B 80 17.58 -6.22 -7.41
N TYR B 81 16.98 -6.55 -6.26
CA TYR B 81 17.55 -7.50 -5.28
C TYR B 81 17.10 -8.88 -5.73
N LEU B 82 17.86 -9.47 -6.66
N LEU B 82 17.86 -9.46 -6.65
CA LEU B 82 17.38 -10.62 -7.41
CA LEU B 82 17.37 -10.58 -7.42
C LEU B 82 17.28 -11.89 -6.61
C LEU B 82 17.29 -11.89 -6.63
N LYS B 83 18.23 -12.12 -5.72
CA LYS B 83 18.18 -13.36 -4.92
C LYS B 83 16.89 -13.40 -4.10
N ILE B 84 16.60 -12.32 -3.39
CA ILE B 84 15.37 -12.26 -2.61
C ILE B 84 14.18 -12.29 -3.54
N LEU B 85 14.21 -11.53 -4.64
CA LEU B 85 13.06 -11.55 -5.55
C LEU B 85 12.72 -12.96 -5.97
N ARG B 86 13.72 -13.73 -6.42
N ARG B 86 13.72 -13.72 -6.42
CA ARG B 86 13.46 -15.09 -6.87
CA ARG B 86 13.49 -15.07 -6.86
C ARG B 86 12.86 -15.95 -5.75
C ARG B 86 12.87 -15.94 -5.77
N MSE B 87 13.30 -15.74 -4.51
CA MSE B 87 12.67 -16.45 -3.39
C MSE B 87 11.19 -16.12 -3.32
O MSE B 87 10.33 -16.99 -3.10
CB MSE B 87 13.33 -16.12 -2.05
CG MSE B 87 14.80 -16.40 -1.93
SE MSE B 87 15.46 -15.65 -0.29
CE MSE B 87 17.25 -15.49 -0.76
N THR B 88 10.87 -14.83 -3.42
CA THR B 88 9.47 -14.41 -3.30
C THR B 88 8.60 -14.97 -4.40
N LEU B 89 9.17 -15.08 -5.61
CA LEU B 89 8.46 -15.63 -6.76
C LEU B 89 8.12 -17.13 -6.59
N MSE B 90 8.94 -17.83 -5.81
N MSE B 90 8.93 -17.81 -5.80
CA MSE B 90 8.72 -19.23 -5.46
CA MSE B 90 8.73 -19.21 -5.47
C MSE B 90 7.81 -19.45 -4.29
C MSE B 90 7.83 -19.45 -4.27
O MSE B 90 7.46 -20.60 -4.01
O MSE B 90 7.47 -20.60 -3.99
CB MSE B 90 10.11 -19.84 -5.21
CB MSE B 90 10.10 -19.84 -5.25
CG MSE B 90 10.99 -20.11 -6.40
CG MSE B 90 10.88 -20.05 -6.53
SE MSE B 90 10.13 -21.13 -7.81
SE MSE B 90 12.68 -20.73 -6.19
CE MSE B 90 9.52 -22.65 -6.96
CE MSE B 90 12.19 -22.45 -5.45
N HIS B 91 7.50 -18.38 -3.54
CA HIS B 91 6.80 -18.43 -2.28
C HIS B 91 5.66 -17.42 -2.19
N GLY B 92 4.90 -17.32 -3.27
CA GLY B 92 3.58 -16.72 -3.20
C GLY B 92 3.54 -15.24 -3.54
N ALA B 93 4.53 -14.67 -4.20
CA ALA B 93 4.42 -13.28 -4.67
C ALA B 93 3.11 -13.04 -5.39
N ASP B 94 2.42 -11.98 -5.00
CA ASP B 94 1.19 -11.58 -5.67
C ASP B 94 1.52 -10.69 -6.82
N LEU B 95 1.58 -11.22 -8.03
CA LEU B 95 2.03 -10.43 -9.17
C LEU B 95 1.11 -9.29 -9.50
N LYS B 96 -0.14 -9.31 -9.02
CA LYS B 96 -1.11 -8.28 -9.19
C LYS B 96 -0.90 -7.14 -8.16
N SER B 97 -0.10 -7.35 -7.11
CA SER B 97 0.05 -6.36 -6.08
C SER B 97 0.78 -5.15 -6.61
N THR B 98 0.54 -4.05 -5.91
CA THR B 98 1.06 -2.80 -6.37
C THR B 98 1.67 -2.03 -5.18
N ASN B 99 2.68 -1.24 -5.53
CA ASN B 99 3.36 -0.34 -4.63
C ASN B 99 2.57 0.98 -4.45
N ARG B 100 3.18 1.93 -3.72
CA ARG B 100 2.45 3.17 -3.43
C ARG B 100 2.16 4.01 -4.65
N TYR B 101 2.89 3.74 -5.75
CA TYR B 101 2.61 4.42 -7.04
C TYR B 101 1.61 3.65 -7.86
N GLY B 102 0.98 2.65 -7.32
CA GLY B 102 0.07 1.86 -8.12
C GLY B 102 0.74 1.04 -9.18
N GLY B 103 2.06 0.82 -9.07
CA GLY B 103 2.83 0.05 -10.02
C GLY B 103 3.03 -1.39 -9.55
N THR B 104 3.14 -2.30 -10.54
CA THR B 104 3.69 -3.63 -10.26
C THR B 104 5.16 -3.54 -9.97
N ALA B 105 5.78 -4.65 -9.58
CA ALA B 105 7.19 -4.68 -9.33
C ALA B 105 8.00 -4.41 -10.63
N LEU B 106 7.38 -4.75 -11.78
CA LEU B 106 8.03 -4.58 -13.06
C LEU B 106 8.28 -3.14 -13.45
N ILE B 107 7.38 -2.25 -13.09
CA ILE B 107 7.51 -0.84 -13.54
C ILE B 107 8.77 -0.19 -12.97
N PRO B 108 9.04 -0.24 -11.65
CA PRO B 108 10.30 0.35 -11.17
C PRO B 108 11.51 -0.36 -11.66
N ALA B 109 11.42 -1.69 -11.88
CA ALA B 109 12.58 -2.40 -12.39
C ALA B 109 12.96 -1.86 -13.80
N ALA B 110 11.93 -1.63 -14.62
CA ALA B 110 12.16 -1.04 -15.94
C ALA B 110 12.67 0.37 -15.84
N GLU B 111 12.03 1.18 -15.00
CA GLU B 111 12.44 2.56 -14.77
C GLU B 111 13.93 2.65 -14.44
N ARG B 112 14.41 1.77 -13.57
CA ARG B 112 15.76 1.83 -13.02
C ARG B 112 16.77 1.08 -13.85
N GLY B 113 16.34 0.49 -14.96
CA GLY B 113 17.27 -0.15 -15.85
C GLY B 113 17.78 -1.49 -15.38
N HIS B 114 17.00 -2.19 -14.57
CA HIS B 114 17.41 -3.48 -13.98
C HIS B 114 17.04 -4.59 -15.00
N VAL B 115 17.93 -4.89 -15.95
CA VAL B 115 17.57 -5.70 -17.10
C VAL B 115 17.17 -7.13 -16.67
N GLU B 116 17.99 -7.77 -15.88
N GLU B 116 18.01 -7.79 -15.88
CA GLU B 116 17.71 -9.15 -15.49
CA GLU B 116 17.73 -9.18 -15.47
C GLU B 116 16.44 -9.24 -14.62
C GLU B 116 16.45 -9.25 -14.62
N THR B 117 16.21 -8.22 -13.82
CA THR B 117 14.96 -8.15 -13.03
C THR B 117 13.75 -8.04 -13.92
N VAL B 118 13.82 -7.18 -14.92
CA VAL B 118 12.77 -7.08 -15.92
C VAL B 118 12.53 -8.45 -16.58
N ARG B 119 13.60 -9.10 -17.00
N ARG B 119 13.61 -9.09 -17.03
CA ARG B 119 13.44 -10.38 -17.68
CA ARG B 119 13.48 -10.41 -17.68
C ARG B 119 12.74 -11.38 -16.75
C ARG B 119 12.76 -11.40 -16.77
N THR B 120 13.17 -11.41 -15.51
CA THR B 120 12.65 -12.32 -14.51
C THR B 120 11.18 -12.08 -14.27
N LEU B 121 10.76 -10.82 -14.11
CA LEU B 121 9.38 -10.48 -13.82
C LEU B 121 8.47 -10.75 -15.02
N ILE B 122 8.97 -10.47 -16.23
CA ILE B 122 8.22 -10.81 -17.43
C ILE B 122 7.97 -12.34 -17.47
N ALA B 123 9.02 -13.09 -17.26
CA ALA B 123 8.94 -14.56 -17.28
C ALA B 123 7.99 -15.10 -16.22
N ALA B 124 7.90 -14.43 -15.08
CA ALA B 124 7.03 -14.84 -13.98
C ALA B 124 5.55 -14.59 -14.29
N GLY B 125 5.26 -13.64 -15.20
CA GLY B 125 3.92 -13.30 -15.55
C GLY B 125 3.39 -12.00 -15.07
N VAL B 126 4.24 -11.08 -14.60
CA VAL B 126 3.74 -9.76 -14.23
C VAL B 126 3.14 -9.08 -15.48
N ASN B 127 2.00 -8.45 -15.35
CA ASN B 127 1.28 -7.88 -16.51
C ASN B 127 2.06 -6.70 -17.12
N VAL B 128 2.60 -6.90 -18.30
CA VAL B 128 3.39 -5.87 -18.94
C VAL B 128 2.57 -4.64 -19.27
N ASN B 129 1.26 -4.77 -19.38
CA ASN B 129 0.38 -3.69 -19.77
C ASN B 129 -0.19 -2.90 -18.57
N HIS B 130 0.23 -3.21 -17.34
CA HIS B 130 -0.28 -2.48 -16.19
C HIS B 130 0.13 -1.02 -16.25
N VAL B 131 -0.81 -0.14 -15.85
CA VAL B 131 -0.58 1.31 -15.80
C VAL B 131 -0.62 1.81 -14.36
N ASN B 132 0.44 2.48 -13.90
CA ASN B 132 0.48 2.97 -12.56
C ASN B 132 -0.23 4.34 -12.39
N ASN B 133 -0.15 4.93 -11.20
CA ASN B 133 -0.95 6.13 -10.91
C ASN B 133 -0.31 7.41 -11.46
N LEU B 134 0.87 7.31 -12.07
CA LEU B 134 1.48 8.34 -12.88
C LEU B 134 1.02 8.21 -14.35
N GLY B 135 0.17 7.23 -14.68
CA GLY B 135 -0.28 7.02 -16.03
C GLY B 135 0.74 6.30 -16.90
N TRP B 136 1.75 5.67 -16.31
CA TRP B 136 2.84 5.08 -17.02
C TRP B 136 2.82 3.57 -16.90
N THR B 137 3.14 2.94 -18.00
CA THR B 137 3.48 1.51 -18.09
C THR B 137 4.99 1.34 -17.85
N ALA B 138 5.44 0.10 -17.76
CA ALA B 138 6.84 -0.19 -17.75
C ALA B 138 7.53 0.37 -19.01
N LEU B 139 6.90 0.21 -20.18
CA LEU B 139 7.44 0.69 -21.41
C LEU B 139 7.63 2.21 -21.39
N LEU B 140 6.57 2.92 -20.97
CA LEU B 140 6.68 4.36 -20.89
C LEU B 140 7.77 4.80 -19.92
N GLU B 141 7.84 4.18 -18.77
CA GLU B 141 8.90 4.60 -17.81
C GLU B 141 10.27 4.32 -18.35
N ALA B 142 10.47 3.19 -19.02
CA ALA B 142 11.80 2.87 -19.55
C ALA B 142 12.25 3.96 -20.54
N ILE B 143 11.31 4.50 -21.30
CA ILE B 143 11.60 5.50 -22.33
C ILE B 143 11.78 6.86 -21.71
N ILE B 144 10.82 7.28 -20.90
CA ILE B 144 10.80 8.67 -20.31
C ILE B 144 11.88 8.86 -19.24
N LEU B 145 12.06 7.84 -18.39
CA LEU B 145 12.94 7.93 -17.25
C LEU B 145 14.28 7.24 -17.48
N GLY B 146 14.46 6.51 -18.55
CA GLY B 146 15.74 6.01 -18.92
C GLY B 146 16.51 7.08 -19.70
N ASN B 147 17.64 6.67 -20.27
CA ASN B 147 18.48 7.55 -21.08
C ASN B 147 18.67 7.07 -22.51
N GLY B 148 17.86 6.12 -22.95
CA GLY B 148 17.88 5.65 -24.29
C GLY B 148 19.01 4.71 -24.68
N LYS B 149 19.91 4.44 -23.74
CA LYS B 149 21.11 3.64 -23.96
C LYS B 149 20.85 2.17 -23.73
N SER B 150 21.84 1.36 -24.00
CA SER B 150 21.94 -0.09 -23.68
C SER B 150 20.86 -0.70 -22.86
N ASN B 151 20.88 -0.51 -21.58
CA ASN B 151 20.02 -1.31 -20.79
CA ASN B 151 19.93 -1.16 -20.62
C ASN B 151 18.54 -0.92 -21.04
N TYR B 152 18.26 0.33 -21.37
CA TYR B 152 16.92 0.72 -21.66
C TYR B 152 16.47 0.16 -23.01
N GLN B 153 17.35 0.14 -24.01
CA GLN B 153 17.06 -0.55 -25.28
C GLN B 153 16.72 -2.03 -25.03
N GLN B 154 17.53 -2.67 -24.19
N GLN B 154 17.53 -2.67 -24.19
CA GLN B 154 17.29 -4.08 -23.88
CA GLN B 154 17.30 -4.08 -23.87
C GLN B 154 15.92 -4.28 -23.22
C GLN B 154 15.94 -4.29 -23.21
N ILE B 155 15.59 -3.40 -22.29
CA ILE B 155 14.31 -3.48 -21.57
C ILE B 155 13.14 -3.25 -22.53
N VAL B 156 13.24 -2.22 -23.36
CA VAL B 156 12.21 -2.00 -24.38
C VAL B 156 12.03 -3.28 -25.23
N ALA B 157 13.14 -3.84 -25.72
CA ALA B 157 13.06 -5.02 -26.54
C ALA B 157 12.39 -6.18 -25.83
N LEU B 158 12.73 -6.37 -24.54
CA LEU B 158 12.16 -7.47 -23.77
C LEU B 158 10.66 -7.25 -23.64
N LEU B 159 10.25 -6.05 -23.29
CA LEU B 159 8.81 -5.79 -23.09
C LEU B 159 8.02 -6.01 -24.38
N LEU B 160 8.56 -5.50 -25.50
CA LEU B 160 7.88 -5.63 -26.77
C LEU B 160 7.79 -7.08 -27.22
N LYS B 161 8.89 -7.79 -27.09
CA LYS B 161 8.86 -9.22 -27.49
C LYS B 161 7.90 -10.04 -26.65
N ALA B 162 7.75 -9.66 -25.39
CA ALA B 162 6.82 -10.35 -24.51
C ALA B 162 5.37 -10.01 -24.80
N GLY B 163 5.12 -8.99 -25.61
CA GLY B 163 3.75 -8.68 -26.01
C GLY B 163 3.17 -7.39 -25.38
N ALA B 164 4.02 -6.53 -24.88
CA ALA B 164 3.53 -5.26 -24.36
C ALA B 164 2.93 -4.43 -25.51
N ASN B 165 1.82 -3.77 -25.23
CA ASN B 165 1.14 -2.95 -26.21
C ASN B 165 1.97 -1.68 -26.41
N PRO B 166 2.49 -1.44 -27.61
CA PRO B 166 3.37 -0.28 -27.80
C PRO B 166 2.60 1.03 -27.91
N ASN B 167 1.27 0.99 -27.95
CA ASN B 167 0.43 2.16 -28.17
C ASN B 167 -0.31 2.64 -26.95
N LEU B 168 -0.07 2.01 -25.78
CA LEU B 168 -0.65 2.55 -24.53
C LEU B 168 0.11 3.84 -24.17
N ALA B 169 -0.62 4.95 -24.24
CA ALA B 169 -0.09 6.28 -24.06
C ALA B 169 -0.12 6.75 -22.62
N ASP B 170 0.58 7.84 -22.37
CA ASP B 170 0.56 8.48 -21.08
C ASP B 170 -0.78 9.23 -20.89
N LYS B 171 -0.90 9.92 -19.75
N LYS B 171 -0.90 9.90 -19.74
CA LYS B 171 -2.13 10.63 -19.43
CA LYS B 171 -2.14 10.60 -19.39
C LYS B 171 -2.49 11.69 -20.41
C LYS B 171 -2.49 11.73 -20.36
N ASP B 172 -1.50 12.25 -21.07
CA ASP B 172 -1.65 13.31 -22.02
C ASP B 172 -1.80 12.81 -23.46
N GLY B 173 -1.95 11.49 -23.64
CA GLY B 173 -2.11 10.94 -24.92
C GLY B 173 -0.84 10.76 -25.77
N ILE B 174 0.32 10.95 -25.15
N ILE B 174 0.32 10.98 -25.15
CA ILE B 174 1.60 10.83 -25.84
CA ILE B 174 1.59 10.85 -25.87
C ILE B 174 2.07 9.37 -25.78
C ILE B 174 2.06 9.39 -25.79
N THR B 175 2.30 8.77 -26.95
CA THR B 175 2.61 7.34 -27.04
C THR B 175 4.10 7.10 -26.84
N PRO B 176 4.47 5.85 -26.58
CA PRO B 176 5.91 5.47 -26.54
C PRO B 176 6.67 5.96 -27.79
N LEU B 177 6.10 5.78 -28.99
CA LEU B 177 6.79 6.22 -30.19
C LEU B 177 7.07 7.73 -30.18
N GLN B 178 6.07 8.51 -29.85
CA GLN B 178 6.23 9.95 -29.81
C GLN B 178 7.30 10.35 -28.77
N HIS B 179 7.26 9.68 -27.62
CA HIS B 179 8.26 9.97 -26.59
C HIS B 179 9.70 9.59 -27.09
N ALA B 180 9.86 8.48 -27.79
CA ALA B 180 11.15 8.08 -28.31
C ALA B 180 11.64 9.09 -29.37
N ARG B 181 10.72 9.45 -30.26
CA ARG B 181 11.05 10.43 -31.31
C ARG B 181 11.43 11.78 -30.79
N THR B 182 10.73 12.28 -29.78
N THR B 182 10.69 12.27 -29.80
CA THR B 182 11.06 13.63 -29.26
CA THR B 182 10.98 13.57 -29.17
C THR B 182 12.41 13.62 -28.60
C THR B 182 12.38 13.63 -28.55
N ARG B 183 12.87 12.48 -28.10
CA ARG B 183 14.16 12.33 -27.45
C ARG B 183 15.26 11.87 -28.38
N GLY B 184 14.97 11.56 -29.65
CA GLY B 184 15.96 11.10 -30.58
C GLY B 184 16.51 9.70 -30.30
N TYR B 185 15.72 8.87 -29.65
CA TYR B 185 16.16 7.52 -29.30
C TYR B 185 15.95 6.58 -30.49
N ARG B 186 16.97 6.49 -31.35
CA ARG B 186 16.71 5.90 -32.68
C ARG B 186 16.48 4.40 -32.59
N GLU B 187 17.26 3.75 -31.70
CA GLU B 187 17.14 2.31 -31.52
C GLU B 187 15.77 1.92 -30.97
N ILE B 188 15.35 2.67 -29.92
CA ILE B 188 14.03 2.44 -29.36
C ILE B 188 12.92 2.71 -30.35
N GLU B 189 13.06 3.78 -31.17
CA GLU B 189 12.07 4.04 -32.20
C GLU B 189 11.94 2.87 -33.16
N LYS B 190 13.08 2.33 -33.60
N LYS B 190 13.08 2.33 -33.60
CA LYS B 190 13.03 1.21 -34.55
CA LYS B 190 13.03 1.21 -34.55
C LYS B 190 12.36 0.02 -33.93
C LYS B 190 12.36 0.00 -33.93
N LEU B 191 12.68 -0.30 -32.67
CA LEU B 191 12.02 -1.40 -31.98
C LEU B 191 10.51 -1.23 -31.91
N LEU B 192 10.08 -0.02 -31.54
CA LEU B 192 8.67 0.28 -31.44
C LEU B 192 7.95 0.13 -32.77
N LEU B 193 8.56 0.66 -33.84
CA LEU B 193 7.91 0.56 -35.16
C LEU B 193 7.70 -0.89 -35.61
N VAL B 194 8.69 -1.74 -35.34
CA VAL B 194 8.51 -3.18 -35.68
C VAL B 194 7.29 -3.73 -34.95
N ALA B 195 7.09 -3.30 -33.72
CA ALA B 195 5.96 -3.72 -32.91
C ALA B 195 4.60 -3.11 -33.25
N GLY B 196 4.56 -2.27 -34.27
CA GLY B 196 3.28 -1.65 -34.68
C GLY B 196 2.98 -0.31 -34.04
N ALA B 197 3.98 0.35 -33.51
CA ALA B 197 3.74 1.58 -32.80
C ALA B 197 3.28 2.73 -33.70
N LYS B 198 2.43 3.56 -33.12
CA LYS B 198 1.97 4.84 -33.70
C LYS B 198 2.09 5.97 -32.66
CL CL C . -8.19 7.55 16.13
CL CL D . -18.78 2.31 0.12
CL CL E . -16.20 -1.93 6.23
CL CL F . 5.65 2.16 -10.15
CL CL G . 18.72 -6.54 -12.58
CL CL H . 11.61 1.22 -3.92
#